data_7Q4X
#
_entry.id   7Q4X
#
_cell.length_a   94.750
_cell.length_b   94.750
_cell.length_c   142.620
_cell.angle_alpha   90.000
_cell.angle_beta   90.000
_cell.angle_gamma   120.000
#
_symmetry.space_group_name_H-M   'P 61'
#
loop_
_entity.id
_entity.type
_entity.pdbx_description
1 polymer Albumin
2 non-polymer Cefaclor
3 non-polymer 'MALONATE ION'
4 non-polymer '(2S)-2-hydroxybutanedioic acid'
5 non-polymer 'FORMIC ACID'
6 non-polymer 'ACETATE ION'
7 water water
#
_entity_poly.entity_id   1
_entity_poly.type   'polypeptide(L)'
_entity_poly.pdbx_seq_one_letter_code
;KSEIAHRFNDLGEKHFKGLVLVAFSQYLQQCPFEDHVKLVNEVTEFAKKCAADESAENCDKSLHTLFGDKLCTVATLRAT
YGELADCCEKQEPERNECFLTHKDDHPNLPKLKPEPDAQCAAFQEDPDKFLGKYLYEVARRHPYFYGPELLFHAEEYKAD
FTECCPADDKAGCLIPKLDALKERILLSSAKERLKCSSFQNFGERAVKAWSVARLSQKFPKADFAEVSKIVTDLTKVHKE
CCHGDLLECADDRADLAKYICEHQDSISGKLKACCDKPLLQKSHCIAEVKEDDLPSDLPALAADFAEDKEICKHYKDAKD
VFLGTFLYEYSRRHPDYSVSLLLRIAKTYEATLEKCCAEADPPACYATVFDQFTPLVEEPKSLVKKNCDLFEEVGEYDFQ
NALIVRYTKKAPQVSTPTLVEIGRTLGKVGSRCCKLPESERLPCSENHLALALNRLCVLHEKTPVSEKITKCCTDSLAER
RPCFSALELDEGYVPKEFKAETFTFHADICTLPEDEKQIKKQSALAELVKHKPKATKEQLKTVLGNFSAFVAKCCGAEDK
EACFAEEGPKLVASSQLALA
;
_entity_poly.pdbx_strand_id   A
#
loop_
_chem_comp.id
_chem_comp.type
_chem_comp.name
_chem_comp.formula
8XI non-polymer Cefaclor 'C15 H14 Cl N3 O4 S'
ACT non-polymer 'ACETATE ION' 'C2 H3 O2 -1'
FMT non-polymer 'FORMIC ACID' 'C H2 O2'
LMR non-polymer '(2S)-2-hydroxybutanedioic acid' 'C4 H6 O5'
MLI non-polymer 'MALONATE ION' 'C3 H2 O4 -2'
#
# COMPACT_ATOMS: atom_id res chain seq x y z
N LYS A 1 27.94 22.70 -0.56
CA LYS A 1 28.08 23.51 -1.80
C LYS A 1 27.34 22.81 -3.00
N SER A 2 27.67 21.56 -3.27
CA SER A 2 27.07 20.87 -4.39
C SER A 2 26.30 19.68 -3.87
N GLU A 3 25.00 19.75 -3.94
CA GLU A 3 24.08 18.79 -3.36
C GLU A 3 24.23 17.48 -4.15
N ILE A 4 24.39 17.60 -5.44
CA ILE A 4 24.64 16.44 -6.23
C ILE A 4 25.94 15.67 -5.80
N ALA A 5 27.06 16.37 -5.67
CA ALA A 5 28.30 15.76 -5.11
C ALA A 5 28.04 15.13 -3.72
N HIS A 6 27.34 15.90 -2.88
CA HIS A 6 27.08 15.53 -1.56
C HIS A 6 26.44 14.17 -1.50
N ARG A 7 25.34 14.00 -2.24
CA ARG A 7 24.63 12.69 -2.30
C ARG A 7 25.42 11.61 -2.94
N PHE A 8 26.13 11.98 -4.05
CA PHE A 8 27.01 11.04 -4.69
C PHE A 8 28.10 10.55 -3.70
N ASN A 9 28.73 11.51 -2.99
CA ASN A 9 29.66 11.13 -1.91
C ASN A 9 29.02 10.27 -0.86
N ASP A 10 27.79 10.62 -0.39
CA ASP A 10 27.21 9.90 0.79
C ASP A 10 26.79 8.53 0.39
N LEU A 11 26.28 8.38 -0.83
CA LEU A 11 25.59 7.14 -1.11
C LEU A 11 26.44 6.15 -1.81
N GLY A 12 27.44 6.62 -2.56
CA GLY A 12 28.31 5.77 -3.39
C GLY A 12 27.63 5.62 -4.75
N GLU A 13 28.44 5.30 -5.78
CA GLU A 13 27.99 5.26 -7.17
C GLU A 13 26.91 4.20 -7.40
N LYS A 14 27.10 3.00 -6.80
CA LYS A 14 26.09 1.93 -6.98
C LYS A 14 24.71 2.41 -6.59
N HIS A 15 24.58 2.87 -5.34
CA HIS A 15 23.27 3.21 -4.83
C HIS A 15 22.83 4.49 -5.46
N PHE A 16 23.72 5.44 -5.70
CA PHE A 16 23.27 6.68 -6.36
C PHE A 16 22.60 6.38 -7.75
N LYS A 17 23.32 5.60 -8.60
CA LYS A 17 22.80 5.26 -9.90
C LYS A 17 21.44 4.53 -9.78
N GLY A 18 21.43 3.51 -8.90
CA GLY A 18 20.18 2.81 -8.61
C GLY A 18 18.99 3.72 -8.30
N LEU A 19 19.18 4.60 -7.34
CA LEU A 19 18.12 5.49 -6.90
C LEU A 19 17.71 6.41 -7.99
N VAL A 20 18.69 6.88 -8.77
CA VAL A 20 18.39 7.83 -9.86
C VAL A 20 17.57 7.11 -11.00
N LEU A 21 17.88 5.84 -11.28
CA LEU A 21 17.05 5.07 -12.22
C LEU A 21 15.62 4.98 -11.68
N VAL A 22 15.50 4.65 -10.38
CA VAL A 22 14.14 4.53 -9.78
C VAL A 22 13.48 5.90 -9.99
N ALA A 23 14.09 6.97 -9.51
CA ALA A 23 13.40 8.29 -9.61
C ALA A 23 12.89 8.58 -11.09
N PHE A 24 13.72 8.20 -12.06
CA PHE A 24 13.46 8.46 -13.47
C PHE A 24 12.43 7.55 -14.02
N SER A 25 12.53 6.24 -13.82
CA SER A 25 11.43 5.37 -14.20
C SER A 25 10.02 5.84 -13.64
N GLN A 26 9.94 6.18 -12.35
CA GLN A 26 8.63 6.44 -11.75
C GLN A 26 8.06 7.67 -12.30
N TYR A 27 8.94 8.59 -12.65
CA TYR A 27 8.51 9.91 -13.09
C TYR A 27 8.09 9.86 -14.60
N LEU A 28 8.74 8.95 -15.34
CA LEU A 28 8.63 8.85 -16.84
C LEU A 28 8.54 7.39 -17.13
N GLN A 29 7.29 6.94 -16.97
CA GLN A 29 6.91 5.54 -16.80
C GLN A 29 6.91 4.76 -18.14
N GLN A 30 6.96 5.52 -19.26
CA GLN A 30 6.90 4.94 -20.60
C GLN A 30 8.21 4.59 -21.40
N CYS A 31 9.32 5.30 -21.14
CA CYS A 31 10.50 5.28 -22.05
C CYS A 31 11.11 3.92 -22.09
N PRO A 32 11.73 3.52 -23.23
CA PRO A 32 12.49 2.25 -23.10
C PRO A 32 13.56 2.32 -21.99
N PHE A 33 13.93 1.12 -21.55
CA PHE A 33 14.91 0.92 -20.51
C PHE A 33 16.23 1.74 -20.77
N GLU A 34 16.86 1.50 -21.94
CA GLU A 34 18.08 2.16 -22.38
C GLU A 34 17.99 3.73 -22.40
N ASP A 35 16.87 4.37 -22.73
CA ASP A 35 16.91 5.87 -22.64
C ASP A 35 16.93 6.37 -21.17
N HIS A 36 16.36 5.59 -20.24
CA HIS A 36 16.39 6.02 -18.83
C HIS A 36 17.86 5.92 -18.39
N VAL A 37 18.45 4.74 -18.59
CA VAL A 37 19.89 4.47 -18.45
C VAL A 37 20.81 5.58 -19.01
N LYS A 38 20.59 6.10 -20.21
CA LYS A 38 21.47 7.14 -20.75
C LYS A 38 21.39 8.38 -19.92
N LEU A 39 20.16 8.77 -19.53
CA LEU A 39 19.96 9.89 -18.59
C LEU A 39 20.61 9.64 -17.17
N VAL A 40 20.55 8.41 -16.68
CA VAL A 40 21.13 8.09 -15.46
C VAL A 40 22.63 8.33 -15.55
N ASN A 41 23.26 7.79 -16.62
CA ASN A 41 24.68 8.02 -16.90
C ASN A 41 25.12 9.42 -17.04
N GLU A 42 24.35 10.22 -17.76
CA GLU A 42 24.63 11.65 -17.86
C GLU A 42 24.65 12.33 -16.45
N VAL A 43 23.62 12.05 -15.62
CA VAL A 43 23.47 12.69 -14.34
C VAL A 43 24.64 12.23 -13.44
N THR A 44 24.94 10.93 -13.49
CA THR A 44 26.06 10.34 -12.76
C THR A 44 27.42 10.94 -13.16
N GLU A 45 27.64 11.13 -14.48
CA GLU A 45 28.77 11.79 -14.94
C GLU A 45 28.89 13.18 -14.40
N PHE A 46 27.77 13.89 -14.40
CA PHE A 46 27.78 15.23 -13.93
C PHE A 46 28.09 15.27 -12.39
N ALA A 47 27.54 14.35 -11.65
CA ALA A 47 27.82 14.16 -10.24
C ALA A 47 29.30 13.96 -9.89
N LYS A 48 30.00 13.14 -10.68
CA LYS A 48 31.44 12.89 -10.54
C LYS A 48 32.26 14.14 -10.84
N LYS A 49 31.87 14.83 -11.90
CA LYS A 49 32.53 16.06 -12.26
C LYS A 49 32.37 17.10 -11.14
N CYS A 50 31.16 17.19 -10.57
CA CYS A 50 30.91 18.03 -9.39
C CYS A 50 31.66 17.58 -8.13
N ALA A 51 31.71 16.28 -7.84
CA ALA A 51 32.42 15.79 -6.68
C ALA A 51 33.92 16.17 -6.73
N ALA A 52 34.48 16.42 -7.92
CA ALA A 52 35.88 16.62 -8.04
C ALA A 52 36.10 18.08 -8.00
N ASP A 53 35.07 18.84 -8.39
CA ASP A 53 35.15 20.29 -8.41
C ASP A 53 33.77 20.90 -8.17
N GLU A 54 33.52 21.26 -6.91
CA GLU A 54 32.15 21.66 -6.48
C GLU A 54 31.77 23.03 -6.94
N SER A 55 32.82 23.79 -7.25
CA SER A 55 32.63 25.11 -7.73
C SER A 55 32.46 25.11 -9.26
N ALA A 56 32.59 23.94 -9.93
CA ALA A 56 32.23 23.79 -11.36
C ALA A 56 30.84 24.37 -11.68
N GLU A 57 30.68 24.84 -12.91
CA GLU A 57 29.46 25.50 -13.38
C GLU A 57 28.27 24.54 -13.28
N ASN A 58 27.11 25.06 -12.84
CA ASN A 58 25.87 24.26 -12.65
C ASN A 58 25.82 23.33 -11.40
N CYS A 59 26.97 23.16 -10.72
CA CYS A 59 27.16 22.12 -9.68
C CYS A 59 26.39 22.45 -8.42
N ASP A 60 26.14 23.75 -8.27
CA ASP A 60 25.48 24.27 -7.09
C ASP A 60 23.95 24.33 -7.18
N LYS A 61 23.38 23.92 -8.32
CA LYS A 61 21.94 23.88 -8.53
C LYS A 61 21.28 22.82 -7.67
N SER A 62 19.99 22.98 -7.34
CA SER A 62 19.28 21.95 -6.57
C SER A 62 19.16 20.63 -7.37
N LEU A 63 18.97 19.53 -6.69
CA LEU A 63 18.69 18.26 -7.31
C LEU A 63 17.54 18.36 -8.26
N HIS A 64 16.58 19.20 -7.91
CA HIS A 64 15.37 19.29 -8.62
C HIS A 64 15.51 20.01 -9.87
N THR A 65 16.23 21.15 -9.84
CA THR A 65 16.58 21.83 -11.03
C THR A 65 17.38 20.93 -11.97
N LEU A 66 18.31 20.17 -11.39
CA LEU A 66 19.14 19.24 -12.15
C LEU A 66 18.27 18.17 -12.79
N PHE A 67 17.40 17.53 -12.03
CA PHE A 67 16.73 16.37 -12.60
C PHE A 67 15.53 16.73 -13.44
N GLY A 68 14.91 17.85 -13.05
CA GLY A 68 13.81 18.43 -13.79
C GLY A 68 14.44 18.74 -15.12
N ASP A 69 15.57 19.47 -15.10
CA ASP A 69 16.24 19.80 -16.38
C ASP A 69 16.48 18.58 -17.27
N LYS A 70 16.98 17.49 -16.67
CA LYS A 70 17.28 16.26 -17.41
C LYS A 70 16.07 15.72 -18.01
N LEU A 71 15.06 15.49 -17.16
CA LEU A 71 13.78 14.96 -17.64
C LEU A 71 13.22 15.71 -18.89
N CYS A 72 13.26 17.04 -18.87
CA CYS A 72 12.75 17.95 -19.90
C CYS A 72 13.50 17.97 -21.23
N THR A 73 14.68 17.39 -21.25
CA THR A 73 15.39 17.10 -22.52
C THR A 73 15.02 15.72 -23.15
N VAL A 74 14.05 14.95 -22.61
CA VAL A 74 13.86 13.60 -23.19
C VAL A 74 13.25 13.72 -24.59
N ALA A 75 13.63 12.79 -25.47
CA ALA A 75 13.06 12.67 -26.85
C ALA A 75 11.53 12.57 -26.78
N THR A 76 10.86 13.41 -27.57
CA THR A 76 9.46 13.23 -27.94
C THR A 76 8.51 13.38 -26.71
N LEU A 77 8.83 14.39 -25.89
CA LEU A 77 8.08 14.69 -24.63
C LEU A 77 6.60 14.92 -24.90
N ARG A 78 6.24 15.75 -25.88
CA ARG A 78 4.83 16.10 -26.17
C ARG A 78 4.02 14.98 -26.82
N ALA A 79 4.70 13.89 -27.21
CA ALA A 79 4.07 12.73 -27.86
C ALA A 79 4.00 11.61 -26.82
N THR A 80 5.07 11.23 -26.17
CA THR A 80 4.83 10.32 -25.03
C THR A 80 3.90 10.86 -23.83
N TYR A 81 4.26 12.04 -23.33
CA TYR A 81 3.69 12.66 -22.13
C TYR A 81 3.34 14.10 -22.44
N GLY A 82 2.19 14.28 -23.09
CA GLY A 82 1.82 15.58 -23.70
C GLY A 82 1.51 16.65 -22.68
N GLU A 83 0.89 16.21 -21.58
CA GLU A 83 0.61 17.06 -20.44
C GLU A 83 1.88 17.40 -19.68
N LEU A 84 2.92 16.58 -19.85
CA LEU A 84 4.17 16.65 -19.10
C LEU A 84 5.10 17.70 -19.63
N ALA A 85 5.21 17.81 -20.95
CA ALA A 85 5.99 18.88 -21.53
C ALA A 85 5.58 20.27 -20.96
N ASP A 86 4.29 20.48 -20.71
CA ASP A 86 3.82 21.73 -20.10
C ASP A 86 4.56 22.03 -18.77
N CYS A 87 4.83 20.95 -18.01
CA CYS A 87 5.55 21.01 -16.74
C CYS A 87 6.92 21.68 -16.97
N CYS A 88 7.56 21.28 -18.05
CA CYS A 88 8.85 21.83 -18.48
C CYS A 88 8.89 23.33 -18.73
N GLU A 89 7.74 23.98 -18.79
CA GLU A 89 7.73 25.44 -18.91
C GLU A 89 8.02 26.09 -17.59
N LYS A 90 7.63 25.40 -16.50
CA LYS A 90 7.68 25.90 -15.11
C LYS A 90 9.01 25.73 -14.40
N GLN A 91 9.31 26.71 -13.53
CA GLN A 91 10.40 26.66 -12.61
C GLN A 91 10.13 25.76 -11.41
N GLU A 92 11.19 25.49 -10.65
CA GLU A 92 11.04 24.74 -9.40
C GLU A 92 10.57 25.76 -8.29
N PRO A 93 9.70 25.38 -7.35
CA PRO A 93 9.19 23.99 -7.15
C PRO A 93 8.01 23.66 -7.98
N GLU A 94 7.44 24.65 -8.69
CA GLU A 94 6.17 24.41 -9.41
C GLU A 94 6.34 23.18 -10.38
N ARG A 95 7.52 23.16 -11.02
CA ARG A 95 7.83 22.14 -12.04
C ARG A 95 7.63 20.76 -11.39
N ASN A 96 8.26 20.55 -10.21
CA ASN A 96 8.31 19.21 -9.65
C ASN A 96 6.88 18.81 -9.19
N GLU A 97 6.19 19.80 -8.56
CA GLU A 97 4.72 19.70 -8.18
C GLU A 97 3.96 19.19 -9.41
N CYS A 98 4.12 19.90 -10.57
CA CYS A 98 3.52 19.50 -11.87
C CYS A 98 3.88 18.06 -12.24
N PHE A 99 5.14 17.75 -12.15
CA PHE A 99 5.59 16.40 -12.50
C PHE A 99 4.91 15.29 -11.66
N LEU A 100 4.74 15.59 -10.35
CA LEU A 100 4.14 14.60 -9.43
C LEU A 100 2.63 14.30 -9.68
N THR A 101 1.81 15.34 -9.87
CA THR A 101 0.38 15.20 -10.32
C THR A 101 0.29 14.17 -11.47
N HIS A 102 1.21 14.33 -12.42
CA HIS A 102 1.26 13.46 -13.55
C HIS A 102 1.61 11.95 -13.39
N LYS A 103 2.13 11.54 -12.27
CA LYS A 103 2.45 10.14 -12.01
C LYS A 103 1.23 9.27 -12.14
N ASP A 104 1.41 8.08 -12.65
CA ASP A 104 0.22 7.31 -13.04
C ASP A 104 0.17 6.01 -12.25
N ASP A 105 -0.92 5.84 -11.49
CA ASP A 105 -1.13 4.72 -10.56
C ASP A 105 -1.66 3.45 -11.13
N HIS A 106 -2.16 3.53 -12.36
CA HIS A 106 -2.54 2.32 -13.02
C HIS A 106 -2.05 2.41 -14.45
N PRO A 107 -0.72 2.38 -14.68
CA PRO A 107 -0.29 2.35 -16.09
C PRO A 107 -0.71 1.04 -16.85
N ASN A 108 -1.19 0.00 -16.12
CA ASN A 108 -1.60 -1.34 -16.68
C ASN A 108 -0.67 -1.90 -17.77
N LEU A 109 0.61 -1.71 -17.55
CA LEU A 109 1.66 -2.30 -18.34
C LEU A 109 1.63 -3.83 -18.41
N PRO A 110 2.26 -4.40 -19.49
CA PRO A 110 2.33 -5.86 -19.57
C PRO A 110 2.68 -6.43 -18.17
N LYS A 111 2.12 -7.59 -17.87
CA LYS A 111 2.30 -8.28 -16.62
C LYS A 111 3.73 -8.75 -16.60
N LEU A 112 4.35 -8.63 -15.44
CA LEU A 112 5.66 -9.18 -15.24
C LEU A 112 5.60 -10.71 -15.15
N LYS A 113 6.42 -11.32 -15.99
CA LYS A 113 6.36 -12.72 -16.34
C LYS A 113 7.73 -13.42 -16.17
N PRO A 114 7.82 -14.40 -15.23
CA PRO A 114 9.08 -15.12 -15.10
C PRO A 114 9.28 -16.10 -16.28
N GLU A 115 10.22 -15.76 -17.20
CA GLU A 115 10.69 -16.63 -18.31
C GLU A 115 12.09 -17.17 -17.97
N PRO A 116 12.18 -18.20 -17.09
CA PRO A 116 13.45 -18.64 -16.49
C PRO A 116 14.54 -18.92 -17.53
N ASP A 117 14.09 -19.40 -18.70
CA ASP A 117 14.86 -19.43 -19.96
C ASP A 117 15.65 -18.20 -20.46
N ALA A 118 14.93 -17.14 -20.86
CA ALA A 118 15.46 -15.97 -21.57
C ALA A 118 16.08 -14.95 -20.58
N GLN A 119 15.42 -14.76 -19.43
CA GLN A 119 15.96 -13.99 -18.30
C GLN A 119 17.31 -14.54 -17.79
N CYS A 120 17.36 -15.79 -17.37
CA CYS A 120 18.62 -16.33 -16.89
C CYS A 120 19.76 -16.04 -17.87
N ALA A 121 19.46 -16.17 -19.19
CA ALA A 121 20.43 -15.87 -20.27
C ALA A 121 21.03 -14.45 -20.14
N ALA A 122 20.14 -13.42 -20.16
CA ALA A 122 20.45 -11.98 -19.91
C ALA A 122 21.21 -11.69 -18.57
N PHE A 123 20.89 -12.42 -17.52
CA PHE A 123 21.56 -12.24 -16.22
C PHE A 123 23.06 -12.66 -16.18
N GLN A 124 23.36 -13.78 -16.84
CA GLN A 124 24.72 -14.37 -16.86
C GLN A 124 25.55 -13.47 -17.73
N GLU A 125 24.90 -13.06 -18.82
CA GLU A 125 25.30 -11.99 -19.73
C GLU A 125 25.91 -10.68 -19.20
N ASP A 126 25.11 -9.89 -18.44
CA ASP A 126 25.50 -8.61 -17.79
C ASP A 126 24.59 -8.49 -16.52
N PRO A 127 25.10 -8.96 -15.35
CA PRO A 127 24.11 -8.89 -14.23
C PRO A 127 23.59 -7.41 -13.88
N ASP A 128 24.41 -6.40 -14.13
CA ASP A 128 24.11 -4.99 -13.93
C ASP A 128 23.06 -4.48 -14.89
N LYS A 129 23.08 -4.95 -16.14
CA LYS A 129 22.01 -4.48 -17.03
C LYS A 129 20.67 -5.03 -16.45
N PHE A 130 20.78 -6.17 -15.80
CA PHE A 130 19.65 -7.05 -15.53
C PHE A 130 18.82 -6.50 -14.32
N LEU A 131 19.58 -6.26 -13.22
CA LEU A 131 19.10 -5.49 -12.05
C LEU A 131 18.51 -4.18 -12.51
N GLY A 132 19.27 -3.38 -13.24
CA GLY A 132 18.77 -2.09 -13.70
C GLY A 132 17.41 -2.23 -14.31
N LYS A 133 17.26 -3.24 -15.15
CA LYS A 133 16.05 -3.39 -15.90
C LYS A 133 14.86 -3.70 -14.91
N TYR A 134 15.13 -4.60 -13.95
CA TYR A 134 14.25 -4.88 -12.83
C TYR A 134 13.76 -3.65 -11.99
N LEU A 135 14.69 -2.91 -11.43
CA LEU A 135 14.42 -1.58 -10.88
C LEU A 135 13.53 -0.79 -11.81
N TYR A 136 13.95 -0.66 -13.07
CA TYR A 136 13.16 0.14 -14.07
C TYR A 136 11.70 -0.42 -14.15
N GLU A 137 11.54 -1.76 -14.11
CA GLU A 137 10.25 -2.36 -14.47
C GLU A 137 9.34 -2.03 -13.30
N VAL A 138 9.94 -2.07 -12.08
CA VAL A 138 9.10 -2.01 -10.88
C VAL A 138 8.67 -0.57 -10.67
N ALA A 139 9.64 0.29 -10.74
CA ALA A 139 9.45 1.67 -10.54
C ALA A 139 8.41 2.26 -11.43
N ARG A 140 8.42 1.96 -12.75
CA ARG A 140 7.39 2.57 -13.64
C ARG A 140 6.01 1.99 -13.32
N ARG A 141 6.01 0.72 -12.91
CA ARG A 141 4.78 0.12 -12.48
C ARG A 141 4.23 0.68 -11.12
N HIS A 142 5.04 1.31 -10.27
CA HIS A 142 4.59 1.60 -8.87
C HIS A 142 5.37 2.80 -8.61
N PRO A 143 4.87 3.90 -9.10
CA PRO A 143 5.62 5.10 -9.19
C PRO A 143 5.93 5.71 -7.82
N TYR A 144 5.45 5.06 -6.75
CA TYR A 144 5.62 5.59 -5.35
C TYR A 144 6.28 4.59 -4.45
N PHE A 145 6.73 3.48 -5.04
CA PHE A 145 7.44 2.49 -4.32
C PHE A 145 8.59 3.18 -3.50
N TYR A 146 8.72 2.80 -2.23
CA TYR A 146 9.77 3.33 -1.33
C TYR A 146 11.12 3.06 -1.95
N GLY A 147 11.73 4.14 -2.47
CA GLY A 147 12.98 4.02 -3.26
C GLY A 147 14.04 3.06 -2.70
N PRO A 148 14.51 3.31 -1.46
CA PRO A 148 15.62 2.49 -0.93
C PRO A 148 15.12 1.05 -0.73
N GLU A 149 13.80 0.87 -0.55
CA GLU A 149 13.33 -0.49 -0.44
C GLU A 149 13.40 -1.27 -1.77
N LEU A 150 13.28 -0.58 -2.90
CA LEU A 150 13.37 -1.23 -4.19
C LEU A 150 14.79 -1.80 -4.40
N LEU A 151 15.83 -1.15 -3.79
CA LEU A 151 17.21 -1.56 -4.03
C LEU A 151 17.47 -2.76 -3.21
N PHE A 152 16.87 -2.79 -2.02
CA PHE A 152 16.88 -4.02 -1.24
C PHE A 152 16.28 -5.13 -2.14
N HIS A 153 15.11 -4.88 -2.77
CA HIS A 153 14.41 -6.02 -3.32
C HIS A 153 15.15 -6.55 -4.58
N ALA A 154 15.84 -5.63 -5.27
CA ALA A 154 16.75 -5.92 -6.39
C ALA A 154 17.88 -6.91 -6.01
N GLU A 155 18.43 -6.74 -4.81
CA GLU A 155 19.39 -7.69 -4.21
C GLU A 155 18.77 -9.07 -4.02
N GLU A 156 17.50 -9.07 -3.69
CA GLU A 156 16.80 -10.33 -3.50
C GLU A 156 16.57 -11.08 -4.85
N TYR A 157 16.07 -10.30 -5.80
CA TYR A 157 15.74 -10.64 -7.14
C TYR A 157 17.01 -11.14 -7.81
N LYS A 158 18.14 -10.50 -7.50
CA LYS A 158 19.46 -10.99 -7.91
C LYS A 158 19.83 -12.32 -7.25
N ALA A 159 19.74 -12.44 -5.92
CA ALA A 159 20.14 -13.66 -5.22
C ALA A 159 19.32 -14.89 -5.67
N ASP A 160 18.10 -14.62 -6.22
CA ASP A 160 17.23 -15.63 -6.86
C ASP A 160 17.82 -16.24 -8.17
N PHE A 161 18.09 -15.34 -9.12
CA PHE A 161 18.71 -15.67 -10.36
C PHE A 161 20.08 -16.32 -10.17
N THR A 162 20.82 -15.91 -9.14
CA THR A 162 21.97 -16.71 -8.69
C THR A 162 21.65 -18.16 -8.36
N GLU A 163 20.88 -18.45 -7.30
CA GLU A 163 20.63 -19.83 -6.88
C GLU A 163 19.99 -20.73 -7.98
N CYS A 164 19.30 -20.10 -8.94
CA CYS A 164 18.39 -20.78 -9.86
C CYS A 164 18.85 -20.82 -11.33
N CYS A 165 19.83 -20.02 -11.72
CA CYS A 165 20.35 -20.20 -13.08
C CYS A 165 21.27 -21.46 -13.22
N PRO A 166 22.18 -21.76 -12.23
CA PRO A 166 22.88 -23.11 -12.20
C PRO A 166 22.02 -24.41 -12.05
N ALA A 167 20.91 -24.37 -11.29
CA ALA A 167 19.92 -25.45 -11.09
C ALA A 167 19.51 -26.32 -12.33
N ASP A 168 19.24 -27.62 -12.13
CA ASP A 168 18.68 -28.53 -13.18
C ASP A 168 17.35 -28.10 -13.81
N ASP A 169 16.35 -27.78 -12.96
CA ASP A 169 15.10 -27.10 -13.38
C ASP A 169 15.12 -25.57 -13.09
N LYS A 170 15.02 -24.80 -14.18
CA LYS A 170 15.13 -23.32 -14.14
C LYS A 170 13.90 -22.66 -13.45
N ALA A 171 12.71 -22.86 -14.02
CA ALA A 171 11.42 -22.53 -13.40
C ALA A 171 11.17 -23.27 -12.07
N GLY A 172 11.75 -24.48 -11.92
CA GLY A 172 11.64 -25.36 -10.72
C GLY A 172 11.96 -24.66 -9.41
N CYS A 173 13.19 -24.15 -9.32
CA CYS A 173 13.65 -23.28 -8.23
C CYS A 173 12.98 -21.86 -8.21
N LEU A 174 12.88 -21.28 -9.41
CA LEU A 174 12.66 -19.86 -9.64
C LEU A 174 11.22 -19.27 -9.62
N ILE A 175 10.27 -19.95 -10.29
CA ILE A 175 8.86 -19.48 -10.29
C ILE A 175 8.28 -19.24 -8.85
N PRO A 176 8.40 -20.21 -7.85
CA PRO A 176 7.89 -19.90 -6.48
C PRO A 176 8.52 -18.66 -5.78
N LYS A 177 9.83 -18.48 -6.04
CA LYS A 177 10.56 -17.39 -5.47
C LYS A 177 10.09 -16.14 -6.13
N LEU A 178 10.26 -16.02 -7.44
CA LEU A 178 9.73 -14.80 -8.08
C LEU A 178 8.22 -14.56 -7.78
N ASP A 179 7.42 -15.61 -7.54
CA ASP A 179 6.02 -15.48 -7.08
C ASP A 179 5.92 -14.82 -5.70
N ALA A 180 6.65 -15.39 -4.71
CA ALA A 180 6.79 -14.77 -3.38
C ALA A 180 7.24 -13.27 -3.55
N LEU A 181 8.35 -13.02 -4.27
CA LEU A 181 8.88 -11.68 -4.39
C LEU A 181 7.86 -10.67 -4.96
N LYS A 182 7.04 -11.14 -5.90
CA LYS A 182 5.95 -10.32 -6.41
C LYS A 182 5.02 -9.92 -5.25
N GLU A 183 4.67 -10.86 -4.38
CA GLU A 183 3.71 -10.54 -3.35
C GLU A 183 4.23 -9.47 -2.41
N ARG A 184 5.49 -9.62 -2.04
CA ARG A 184 6.16 -8.71 -1.14
C ARG A 184 6.33 -7.40 -1.83
N ILE A 185 6.63 -7.38 -3.13
CA ILE A 185 6.60 -6.11 -3.90
C ILE A 185 5.22 -5.43 -3.84
N LEU A 186 4.15 -6.20 -4.02
CA LEU A 186 2.86 -5.59 -4.05
C LEU A 186 2.47 -5.06 -2.64
N LEU A 187 2.74 -5.85 -1.60
CA LEU A 187 2.45 -5.41 -0.21
C LEU A 187 3.30 -4.08 0.13
N SER A 188 4.56 -4.13 -0.24
CA SER A 188 5.48 -3.08 0.08
C SER A 188 4.95 -1.87 -0.61
N SER A 189 4.77 -1.96 -1.92
CA SER A 189 4.19 -0.88 -2.69
C SER A 189 2.87 -0.35 -2.02
N ALA A 190 1.94 -1.23 -1.65
CA ALA A 190 0.63 -0.80 -1.05
C ALA A 190 0.94 -0.04 0.33
N LYS A 191 1.94 -0.50 1.12
CA LYS A 191 2.26 0.21 2.44
C LYS A 191 2.73 1.61 2.14
N GLU A 192 3.73 1.75 1.25
CA GLU A 192 4.20 3.08 0.88
C GLU A 192 3.18 3.98 0.22
N ARG A 193 2.39 3.41 -0.73
CA ARG A 193 1.37 4.22 -1.34
C ARG A 193 0.46 4.83 -0.24
N LEU A 194 0.10 4.04 0.80
CA LEU A 194 -0.71 4.62 1.96
C LEU A 194 0.01 5.76 2.64
N LYS A 195 1.29 5.68 2.84
CA LYS A 195 1.97 6.81 3.34
C LYS A 195 1.93 8.04 2.46
N CYS A 196 2.28 7.91 1.17
CA CYS A 196 2.22 9.09 0.29
C CYS A 196 0.79 9.65 0.20
N SER A 197 -0.23 8.78 0.17
CA SER A 197 -1.68 9.24 0.13
C SER A 197 -2.02 10.01 1.38
N SER A 198 -1.46 9.57 2.53
CA SER A 198 -1.67 10.32 3.78
C SER A 198 -1.03 11.69 3.74
N PHE A 199 0.21 11.87 3.28
CA PHE A 199 0.71 13.26 3.14
C PHE A 199 -0.15 14.01 2.12
N GLN A 200 -0.45 13.39 0.95
CA GLN A 200 -1.24 14.08 -0.11
C GLN A 200 -2.64 14.50 0.43
N ASN A 201 -3.39 13.58 0.98
CA ASN A 201 -4.77 13.85 1.31
C ASN A 201 -5.10 14.45 2.64
N PHE A 202 -4.23 14.27 3.62
CA PHE A 202 -4.40 14.62 5.02
C PHE A 202 -3.21 15.38 5.60
N GLY A 203 -2.01 15.30 5.04
CA GLY A 203 -0.95 16.13 5.56
C GLY A 203 -0.07 15.40 6.52
N GLU A 204 1.03 16.05 6.76
CA GLU A 204 2.07 15.61 7.67
C GLU A 204 1.62 15.25 9.12
N ARG A 205 0.71 16.05 9.67
CA ARG A 205 0.21 15.74 11.00
CA ARG A 205 0.07 15.75 10.98
C ARG A 205 -0.46 14.31 11.07
N ALA A 206 -1.16 13.89 10.01
CA ALA A 206 -1.79 12.58 10.04
C ALA A 206 -0.73 11.47 9.94
N VAL A 207 0.33 11.72 9.16
CA VAL A 207 1.40 10.77 9.04
C VAL A 207 2.16 10.58 10.36
N LYS A 208 2.40 11.69 11.06
CA LYS A 208 3.09 11.62 12.34
C LYS A 208 2.25 10.85 13.39
N ALA A 209 0.95 11.13 13.46
CA ALA A 209 0.02 10.48 14.37
C ALA A 209 -0.03 9.00 14.09
N TRP A 210 -0.28 8.59 12.82
CA TRP A 210 -0.10 7.12 12.43
C TRP A 210 1.23 6.50 12.95
N SER A 211 2.34 7.24 12.80
CA SER A 211 3.66 6.63 13.11
C SER A 211 3.89 6.56 14.57
N VAL A 212 3.46 7.60 15.27
CA VAL A 212 3.42 7.52 16.81
C VAL A 212 2.67 6.25 17.28
N ALA A 213 1.47 6.01 16.76
CA ALA A 213 0.76 4.84 17.21
C ALA A 213 1.55 3.60 16.83
N ARG A 214 2.01 3.49 15.58
CA ARG A 214 2.59 2.23 15.16
C ARG A 214 3.92 1.99 15.86
N LEU A 215 4.78 3.01 15.89
CA LEU A 215 6.07 2.87 16.56
C LEU A 215 5.97 2.65 18.08
N SER A 216 4.95 3.19 18.72
CA SER A 216 4.76 2.93 20.18
C SER A 216 4.41 1.45 20.36
N GLN A 217 3.60 0.89 19.47
CA GLN A 217 3.30 -0.54 19.53
C GLN A 217 4.58 -1.39 19.36
N LYS A 218 5.44 -1.02 18.38
CA LYS A 218 6.62 -1.84 18.11
C LYS A 218 7.70 -1.69 19.14
N PHE A 219 7.86 -0.48 19.71
CA PHE A 219 8.97 -0.19 20.66
C PHE A 219 8.36 0.18 22.00
N PRO A 220 7.62 -0.75 22.64
CA PRO A 220 6.90 -0.25 23.81
C PRO A 220 7.87 0.10 25.01
N LYS A 221 9.17 -0.27 24.93
CA LYS A 221 10.16 0.06 26.00
C LYS A 221 10.78 1.39 25.78
N ALA A 222 10.61 1.98 24.63
CA ALA A 222 11.25 3.27 24.43
C ALA A 222 10.46 4.30 25.11
N ASP A 223 11.12 5.36 25.55
CA ASP A 223 10.33 6.48 26.00
C ASP A 223 9.71 7.43 24.92
N PHE A 224 8.73 8.24 25.36
CA PHE A 224 8.04 9.15 24.52
C PHE A 224 9.01 9.98 23.66
N ALA A 225 10.02 10.55 24.28
CA ALA A 225 10.90 11.39 23.54
C ALA A 225 11.66 10.63 22.50
N GLU A 226 11.99 9.38 22.78
CA GLU A 226 12.72 8.61 21.82
C GLU A 226 11.75 8.21 20.56
N VAL A 227 10.50 7.82 20.88
CA VAL A 227 9.48 7.59 19.81
C VAL A 227 9.33 8.87 18.96
N SER A 228 9.17 10.04 19.58
CA SER A 228 9.00 11.30 18.83
C SER A 228 10.09 11.59 17.93
N LYS A 229 11.28 11.41 18.45
CA LYS A 229 12.41 11.65 17.66
C LYS A 229 12.42 10.78 16.43
N ILE A 230 12.26 9.47 16.59
CA ILE A 230 12.27 8.55 15.43
C ILE A 230 11.09 8.90 14.45
N VAL A 231 9.91 9.19 15.01
CA VAL A 231 8.75 9.57 14.15
C VAL A 231 9.13 10.83 13.42
N THR A 232 9.73 11.82 14.08
CA THR A 232 10.16 13.00 13.32
C THR A 232 11.10 12.63 12.15
N ASP A 233 12.11 11.85 12.45
CA ASP A 233 13.03 11.50 11.37
C ASP A 233 12.41 10.67 10.24
N LEU A 234 11.68 9.66 10.62
CA LEU A 234 10.97 8.82 9.71
C LEU A 234 9.96 9.57 8.84
N THR A 235 9.26 10.52 9.41
CA THR A 235 8.35 11.33 8.66
C THR A 235 9.06 12.14 7.58
N LYS A 236 10.19 12.72 7.90
CA LYS A 236 10.92 13.47 6.90
C LYS A 236 11.44 12.57 5.78
N VAL A 237 11.86 11.38 6.14
CA VAL A 237 12.32 10.41 5.19
C VAL A 237 11.18 10.14 4.18
N HIS A 238 10.01 9.78 4.65
CA HIS A 238 8.92 9.43 3.73
C HIS A 238 8.40 10.65 3.00
N LYS A 239 8.44 11.82 3.59
CA LYS A 239 8.00 13.00 2.91
C LYS A 239 8.88 13.24 1.69
N GLU A 240 10.18 13.12 1.88
CA GLU A 240 11.12 13.21 0.76
C GLU A 240 10.91 12.14 -0.37
N CYS A 241 10.91 10.85 0.02
CA CYS A 241 10.60 9.74 -0.89
C CYS A 241 9.26 9.90 -1.65
N CYS A 242 8.21 10.36 -0.96
CA CYS A 242 6.90 10.60 -1.62
C CYS A 242 6.94 11.78 -2.60
N HIS A 243 7.93 12.66 -2.42
CA HIS A 243 8.11 13.83 -3.28
C HIS A 243 9.12 13.64 -4.42
N GLY A 244 9.47 12.38 -4.61
CA GLY A 244 10.47 11.98 -5.56
C GLY A 244 11.89 12.42 -5.20
N ASP A 245 12.18 12.78 -3.96
CA ASP A 245 13.56 13.16 -3.68
C ASP A 245 14.26 11.94 -3.14
N LEU A 246 14.39 10.92 -3.99
CA LEU A 246 14.92 9.62 -3.56
C LEU A 246 16.34 9.67 -2.98
N LEU A 247 17.18 10.62 -3.42
CA LEU A 247 18.56 10.63 -2.88
C LEU A 247 18.60 11.12 -1.43
N GLU A 248 17.97 12.24 -1.17
CA GLU A 248 17.83 12.75 0.17
C GLU A 248 17.10 11.73 1.11
N CYS A 249 16.04 11.15 0.61
CA CYS A 249 15.38 10.07 1.27
C CYS A 249 16.28 8.92 1.64
N ALA A 250 17.03 8.36 0.69
CA ALA A 250 17.94 7.26 1.05
C ALA A 250 18.97 7.69 2.10
N ASP A 251 19.42 8.93 1.96
CA ASP A 251 20.59 9.38 2.77
C ASP A 251 20.04 9.50 4.24
N ASP A 252 18.88 10.17 4.35
CA ASP A 252 18.27 10.41 5.67
C ASP A 252 17.87 9.02 6.26
N ARG A 253 17.39 8.11 5.42
CA ARG A 253 17.09 6.84 5.93
C ARG A 253 18.32 6.15 6.59
N ALA A 254 19.50 6.19 5.98
CA ALA A 254 20.66 5.48 6.50
C ALA A 254 21.03 6.18 7.81
N ASP A 255 20.96 7.50 7.86
CA ASP A 255 21.20 8.23 9.12
C ASP A 255 20.27 7.72 10.27
N LEU A 256 18.97 7.56 9.99
CA LEU A 256 17.99 6.95 10.85
C LEU A 256 18.29 5.57 11.32
N ALA A 257 18.63 4.71 10.39
CA ALA A 257 18.97 3.37 10.73
C ALA A 257 20.19 3.31 11.72
N LYS A 258 21.17 4.15 11.48
CA LYS A 258 22.36 4.21 12.23
C LYS A 258 22.05 4.77 13.65
N TYR A 259 21.25 5.86 13.74
CA TYR A 259 20.72 6.36 14.99
C TYR A 259 20.01 5.26 15.79
N ILE A 260 19.18 4.48 15.17
CA ILE A 260 18.29 3.51 15.84
C ILE A 260 19.23 2.40 16.33
N CYS A 261 20.22 2.03 15.53
CA CYS A 261 21.13 0.95 15.91
C CYS A 261 22.10 1.41 16.99
N GLU A 262 22.39 2.68 17.12
CA GLU A 262 23.32 3.13 18.21
C GLU A 262 22.55 3.23 19.52
N HIS A 263 21.22 3.33 19.45
CA HIS A 263 20.39 3.47 20.62
C HIS A 263 19.54 2.25 20.81
N GLN A 264 19.97 1.10 20.32
CA GLN A 264 19.01 0.00 20.31
C GLN A 264 18.60 -0.43 21.72
N ASP A 265 19.50 -0.33 22.72
CA ASP A 265 19.17 -0.68 24.06
C ASP A 265 18.10 0.16 24.68
N SER A 266 17.99 1.42 24.36
CA SER A 266 16.83 2.10 24.87
C SER A 266 15.61 2.12 23.86
N ILE A 267 15.68 1.28 22.80
CA ILE A 267 14.54 1.22 21.87
C ILE A 267 13.76 -0.09 21.91
N SER A 268 14.45 -1.22 21.73
CA SER A 268 13.81 -2.46 21.64
C SER A 268 14.87 -3.50 21.59
N GLY A 269 14.66 -4.62 22.26
CA GLY A 269 15.60 -5.74 22.16
C GLY A 269 15.35 -6.59 20.88
N LYS A 270 14.33 -6.28 20.08
CA LYS A 270 14.22 -6.99 18.81
C LYS A 270 15.21 -6.46 17.73
N LEU A 271 16.04 -5.47 18.05
CA LEU A 271 16.74 -4.78 17.02
C LEU A 271 18.06 -5.33 16.80
N LYS A 272 18.56 -6.13 17.74
CA LYS A 272 19.95 -6.58 17.66
C LYS A 272 20.18 -7.42 16.42
N ALA A 273 19.23 -8.29 16.14
CA ALA A 273 19.15 -9.01 14.84
C ALA A 273 19.45 -8.11 13.66
N CYS A 274 18.61 -7.06 13.52
CA CYS A 274 18.71 -6.05 12.49
C CYS A 274 19.98 -5.33 12.47
N CYS A 275 20.47 -4.95 13.63
CA CYS A 275 21.65 -4.08 13.65
C CYS A 275 22.95 -4.77 13.29
N ASP A 276 22.98 -6.09 13.28
CA ASP A 276 24.22 -6.87 12.96
C ASP A 276 24.38 -7.01 11.45
N LYS A 277 23.55 -6.32 10.67
CA LYS A 277 23.43 -6.56 9.21
C LYS A 277 24.09 -5.50 8.31
N PRO A 278 24.12 -5.75 6.97
CA PRO A 278 24.59 -4.73 6.01
C PRO A 278 23.51 -3.67 5.77
N LEU A 279 23.88 -2.55 5.13
CA LEU A 279 23.07 -1.36 5.10
C LEU A 279 21.58 -1.52 4.76
N LEU A 280 21.31 -1.88 3.51
CA LEU A 280 20.01 -2.07 2.99
C LEU A 280 19.26 -3.12 3.79
N GLN A 281 19.95 -4.15 4.24
CA GLN A 281 19.29 -5.15 5.01
C GLN A 281 18.85 -4.70 6.41
N LYS A 282 19.72 -3.94 7.07
CA LYS A 282 19.58 -3.39 8.38
C LYS A 282 18.32 -2.54 8.33
N SER A 283 18.24 -1.59 7.39
CA SER A 283 17.05 -0.74 7.27
C SER A 283 15.81 -1.50 7.00
N HIS A 284 15.88 -2.41 6.02
CA HIS A 284 14.75 -3.28 5.79
C HIS A 284 14.35 -3.97 7.05
N CYS A 285 15.28 -4.57 7.79
CA CYS A 285 14.91 -5.33 9.01
C CYS A 285 14.26 -4.45 10.11
N ILE A 286 14.74 -3.23 10.28
CA ILE A 286 14.21 -2.24 11.25
C ILE A 286 12.79 -1.92 10.78
N ALA A 287 12.58 -1.72 9.44
CA ALA A 287 11.27 -1.26 9.01
C ALA A 287 10.30 -2.37 9.28
N GLU A 288 10.74 -3.61 9.27
CA GLU A 288 9.74 -4.71 9.40
C GLU A 288 9.84 -5.33 10.76
N VAL A 289 10.58 -4.73 11.71
CA VAL A 289 10.84 -5.39 13.00
C VAL A 289 9.54 -5.76 13.74
N LYS A 290 9.52 -6.91 14.36
CA LYS A 290 8.30 -7.22 15.20
C LYS A 290 8.32 -6.45 16.54
N GLU A 291 7.13 -6.32 17.12
CA GLU A 291 6.84 -5.65 18.37
C GLU A 291 7.61 -6.34 19.56
N ASP A 292 8.25 -5.53 20.41
CA ASP A 292 9.04 -5.95 21.57
C ASP A 292 8.03 -6.47 22.58
N ASP A 293 8.43 -7.32 23.53
CA ASP A 293 7.58 -7.49 24.74
C ASP A 293 7.30 -6.21 25.49
N LEU A 294 6.15 -6.13 26.13
CA LEU A 294 5.77 -5.08 27.01
C LEU A 294 6.72 -4.96 28.25
N PRO A 295 7.02 -3.72 28.72
CA PRO A 295 7.81 -3.65 29.98
C PRO A 295 6.89 -4.04 31.15
N SER A 296 7.46 -4.46 32.28
CA SER A 296 6.54 -4.77 33.40
C SER A 296 6.23 -3.58 34.31
N ASP A 297 6.83 -2.41 34.01
CA ASP A 297 6.50 -1.14 34.70
C ASP A 297 5.67 -0.18 33.78
N LEU A 298 4.93 -0.67 32.79
CA LEU A 298 3.88 0.19 32.13
C LEU A 298 3.03 0.83 33.18
N PRO A 299 2.87 2.14 33.10
CA PRO A 299 2.14 2.86 34.21
C PRO A 299 0.60 2.70 34.05
N ALA A 300 -0.17 2.84 35.11
CA ALA A 300 -1.61 2.70 35.03
C ALA A 300 -2.04 4.01 34.42
N LEU A 301 -2.89 3.95 33.42
CA LEU A 301 -3.23 5.14 32.64
C LEU A 301 -4.28 6.04 33.26
N ALA A 302 -5.17 5.47 34.07
CA ALA A 302 -6.30 6.22 34.60
C ALA A 302 -5.87 7.49 35.32
N ALA A 303 -4.83 7.35 36.12
CA ALA A 303 -4.34 8.35 36.98
C ALA A 303 -4.08 9.65 36.23
N ASP A 304 -3.17 9.62 35.24
CA ASP A 304 -2.80 10.76 34.43
C ASP A 304 -4.00 11.21 33.48
N PHE A 305 -4.72 10.23 32.93
CA PHE A 305 -5.72 10.46 31.83
C PHE A 305 -7.21 10.53 32.14
N ALA A 306 -7.58 10.07 33.34
CA ALA A 306 -9.01 10.14 33.76
C ALA A 306 -9.19 10.75 35.14
N GLU A 307 -8.26 10.58 36.05
CA GLU A 307 -8.56 10.93 37.44
C GLU A 307 -7.99 12.21 37.90
N ASP A 308 -6.83 12.57 37.34
CA ASP A 308 -6.16 13.77 37.70
C ASP A 308 -7.10 14.98 37.44
N LYS A 309 -7.05 15.93 38.38
CA LYS A 309 -7.94 17.11 38.40
C LYS A 309 -7.42 18.20 37.49
N GLU A 310 -6.17 18.13 37.06
CA GLU A 310 -5.68 19.22 36.24
C GLU A 310 -5.76 18.97 34.73
N ILE A 311 -6.47 17.89 34.37
CA ILE A 311 -6.50 17.38 32.97
C ILE A 311 -6.83 18.48 31.97
N CYS A 312 -7.95 19.17 32.23
CA CYS A 312 -8.33 20.28 31.34
C CYS A 312 -7.26 21.32 31.23
N LYS A 313 -6.55 21.59 32.31
CA LYS A 313 -5.48 22.58 32.20
C LYS A 313 -4.27 22.03 31.37
N HIS A 314 -3.78 20.81 31.60
CA HIS A 314 -2.77 20.27 30.66
C HIS A 314 -3.35 20.18 29.22
N TYR A 315 -4.63 19.89 29.07
CA TYR A 315 -5.18 19.87 27.73
C TYR A 315 -5.12 21.28 27.06
N LYS A 316 -5.64 22.31 27.75
CA LYS A 316 -5.70 23.67 27.20
C LYS A 316 -4.25 24.26 26.99
N ASP A 317 -3.30 23.96 27.87
CA ASP A 317 -1.93 24.45 27.69
C ASP A 317 -1.19 23.89 26.49
N ALA A 318 -1.37 22.61 26.23
CA ALA A 318 -0.54 21.91 25.24
C ALA A 318 -1.20 20.67 24.55
N LYS A 319 -2.36 20.90 23.91
CA LYS A 319 -3.13 19.83 23.26
CA LYS A 319 -3.16 19.84 23.18
C LYS A 319 -2.31 18.75 22.51
N ASP A 320 -1.46 19.16 21.57
CA ASP A 320 -0.65 18.25 20.75
C ASP A 320 0.27 17.35 21.56
N VAL A 321 0.81 17.88 22.66
CA VAL A 321 1.75 17.10 23.46
C VAL A 321 0.93 16.15 24.28
N PHE A 322 -0.14 16.66 24.83
CA PHE A 322 -0.93 15.91 25.82
C PHE A 322 -1.55 14.72 25.04
N LEU A 323 -2.19 14.99 23.91
CA LEU A 323 -2.77 13.95 23.06
C LEU A 323 -1.75 12.97 22.47
N GLY A 324 -0.54 13.47 22.13
CA GLY A 324 0.57 12.64 21.68
C GLY A 324 0.99 11.64 22.73
N THR A 325 1.09 12.14 23.97
CA THR A 325 1.46 11.30 25.14
C THR A 325 0.40 10.22 25.34
N PHE A 326 -0.87 10.64 25.33
CA PHE A 326 -1.97 9.68 25.47
C PHE A 326 -1.84 8.58 24.33
N LEU A 327 -1.64 9.06 23.12
CA LEU A 327 -1.47 8.16 21.92
C LEU A 327 -0.33 7.19 22.14
N TYR A 328 0.82 7.72 22.60
CA TYR A 328 2.00 6.90 22.80
C TYR A 328 1.67 5.83 23.86
N GLU A 329 1.05 6.25 24.97
CA GLU A 329 0.88 5.33 26.11
C GLU A 329 -0.13 4.25 25.86
N TYR A 330 -1.26 4.65 25.26
CA TYR A 330 -2.29 3.73 24.94
C TYR A 330 -1.86 2.78 23.84
N SER A 331 -1.12 3.28 22.87
CA SER A 331 -0.72 2.42 21.77
C SER A 331 0.33 1.44 22.24
N ARG A 332 1.25 1.86 23.13
CA ARG A 332 2.36 0.94 23.45
C ARG A 332 1.78 -0.29 24.21
N ARG A 333 0.67 -0.10 24.92
CA ARG A 333 0.14 -1.25 25.56
C ARG A 333 -0.92 -1.97 24.74
N HIS A 334 -1.17 -1.51 23.51
CA HIS A 334 -2.15 -2.24 22.67
C HIS A 334 -1.61 -2.70 21.32
N PRO A 335 -0.59 -3.58 21.33
CA PRO A 335 -0.22 -4.13 20.07
C PRO A 335 -1.35 -5.01 19.46
N ASP A 336 -2.43 -5.25 20.20
CA ASP A 336 -3.47 -6.08 19.70
C ASP A 336 -4.54 -5.20 19.02
N TYR A 337 -4.33 -3.88 19.01
CA TYR A 337 -5.23 -3.05 18.23
C TYR A 337 -4.63 -2.62 16.84
N SER A 338 -5.49 -2.29 15.88
CA SER A 338 -5.05 -1.78 14.60
C SER A 338 -4.62 -0.29 14.81
N VAL A 339 -3.78 0.23 13.91
CA VAL A 339 -3.31 1.58 14.06
C VAL A 339 -4.57 2.51 14.01
N SER A 340 -5.45 2.25 13.05
CA SER A 340 -6.59 3.14 12.90
C SER A 340 -7.50 3.11 14.06
N LEU A 341 -7.70 1.92 14.64
CA LEU A 341 -8.52 1.89 15.85
C LEU A 341 -7.84 2.81 16.97
N LEU A 342 -6.50 2.72 17.14
CA LEU A 342 -5.76 3.60 18.11
C LEU A 342 -5.98 5.09 17.79
N LEU A 343 -5.91 5.45 16.51
CA LEU A 343 -6.16 6.81 16.20
C LEU A 343 -7.61 7.17 16.52
N ARG A 344 -8.58 6.30 16.18
CA ARG A 344 -10.01 6.56 16.51
C ARG A 344 -10.21 6.74 18.04
N ILE A 345 -9.61 5.87 18.80
CA ILE A 345 -9.60 5.94 20.23
C ILE A 345 -9.02 7.30 20.76
N ALA A 346 -7.89 7.77 20.20
CA ALA A 346 -7.28 9.07 20.52
C ALA A 346 -8.22 10.24 20.19
N LYS A 347 -8.82 10.23 19.01
CA LYS A 347 -9.84 11.20 18.62
C LYS A 347 -11.10 11.18 19.53
N THR A 348 -11.44 10.03 20.11
CA THR A 348 -12.64 10.05 21.02
C THR A 348 -12.16 10.61 22.35
N TYR A 349 -10.89 10.33 22.71
CA TYR A 349 -10.38 10.84 23.99
C TYR A 349 -10.41 12.40 23.90
N GLU A 350 -9.78 12.94 22.84
CA GLU A 350 -9.81 14.34 22.51
C GLU A 350 -11.21 14.87 22.57
N ALA A 351 -12.14 14.20 21.91
CA ALA A 351 -13.47 14.78 21.77
C ALA A 351 -14.09 14.84 23.19
N THR A 352 -13.86 13.83 24.02
CA THR A 352 -14.37 13.84 25.36
C THR A 352 -13.85 15.00 26.22
N LEU A 353 -12.56 15.31 26.12
CA LEU A 353 -11.97 16.48 26.83
C LEU A 353 -12.49 17.79 26.31
N GLU A 354 -12.64 17.99 24.98
CA GLU A 354 -13.38 19.15 24.41
C GLU A 354 -14.75 19.31 25.07
N LYS A 355 -15.55 18.24 25.11
CA LYS A 355 -16.86 18.35 25.70
C LYS A 355 -16.78 18.58 27.22
N CYS A 356 -16.10 17.69 27.98
CA CYS A 356 -16.09 17.77 29.46
C CYS A 356 -15.44 19.05 30.00
N CYS A 357 -14.43 19.53 29.31
CA CYS A 357 -13.72 20.71 29.77
C CYS A 357 -14.54 21.96 29.59
N ALA A 358 -15.60 21.93 28.79
CA ALA A 358 -16.46 23.10 28.75
C ALA A 358 -17.79 23.05 29.58
N GLU A 359 -17.93 22.09 30.50
CA GLU A 359 -19.03 22.01 31.50
C GLU A 359 -18.54 22.37 32.88
N ALA A 360 -19.47 22.66 33.78
CA ALA A 360 -19.18 23.16 35.17
C ALA A 360 -18.15 22.40 36.03
N ASP A 361 -18.24 21.06 35.97
CA ASP A 361 -17.44 20.16 36.77
C ASP A 361 -16.80 19.10 35.80
N PRO A 362 -15.71 19.47 35.08
CA PRO A 362 -15.09 18.52 34.16
C PRO A 362 -14.71 17.18 34.79
N PRO A 363 -13.99 17.13 35.95
CA PRO A 363 -13.51 15.77 36.40
C PRO A 363 -14.60 14.68 36.45
N ALA A 364 -15.79 15.05 36.94
CA ALA A 364 -16.94 14.12 36.98
C ALA A 364 -17.39 13.66 35.54
N CYS A 365 -17.24 14.54 34.56
CA CYS A 365 -17.58 14.17 33.18
C CYS A 365 -16.49 13.23 32.52
N TYR A 366 -15.20 13.59 32.69
CA TYR A 366 -14.16 12.84 32.02
C TYR A 366 -13.71 11.61 32.84
N ALA A 367 -14.23 11.41 34.06
CA ALA A 367 -13.86 10.24 34.87
C ALA A 367 -14.05 8.90 34.14
N THR A 368 -15.04 8.85 33.24
CA THR A 368 -15.41 7.62 32.57
C THR A 368 -14.83 7.60 31.14
N VAL A 369 -13.88 8.46 30.80
CA VAL A 369 -13.49 8.54 29.40
C VAL A 369 -13.08 7.16 28.82
N PHE A 370 -12.36 6.35 29.59
CA PHE A 370 -11.80 5.04 29.07
C PHE A 370 -12.93 4.03 28.73
N ASP A 371 -14.03 4.24 29.42
CA ASP A 371 -15.22 3.45 29.22
C ASP A 371 -15.97 3.68 27.88
N GLN A 372 -15.85 4.86 27.30
CA GLN A 372 -16.33 5.17 25.98
C GLN A 372 -15.50 4.46 24.90
N PHE A 373 -14.51 3.63 25.21
CA PHE A 373 -13.67 3.13 24.09
C PHE A 373 -14.16 1.78 23.69
N THR A 374 -14.96 1.22 24.57
CA THR A 374 -15.40 -0.20 24.56
C THR A 374 -16.14 -0.48 23.27
N PRO A 375 -17.14 0.35 22.91
CA PRO A 375 -17.79 0.04 21.62
C PRO A 375 -16.83 0.18 20.40
N LEU A 376 -15.87 1.12 20.47
CA LEU A 376 -14.92 1.35 19.40
C LEU A 376 -14.11 0.11 19.16
N VAL A 377 -13.79 -0.60 20.23
CA VAL A 377 -13.02 -1.79 20.12
C VAL A 377 -13.83 -2.97 19.64
N GLU A 378 -15.09 -3.03 20.07
CA GLU A 378 -15.88 -4.22 19.82
C GLU A 378 -16.32 -4.26 18.34
N GLU A 379 -16.66 -3.13 17.71
CA GLU A 379 -17.06 -3.12 16.30
C GLU A 379 -15.97 -3.77 15.37
N PRO A 380 -14.73 -3.22 15.32
CA PRO A 380 -13.80 -3.94 14.47
C PRO A 380 -13.56 -5.39 14.87
N LYS A 381 -13.65 -5.75 16.19
CA LYS A 381 -13.28 -7.12 16.62
C LYS A 381 -14.34 -8.14 16.13
N SER A 382 -15.57 -7.71 16.12
CA SER A 382 -16.54 -8.63 15.70
C SER A 382 -16.62 -8.68 14.16
N LEU A 383 -16.38 -7.56 13.47
CA LEU A 383 -16.16 -7.59 12.04
C LEU A 383 -15.05 -8.56 11.65
N VAL A 384 -13.93 -8.60 12.36
CA VAL A 384 -12.83 -9.49 12.02
C VAL A 384 -13.22 -10.96 12.28
N LYS A 385 -13.85 -11.20 13.42
CA LYS A 385 -14.37 -12.55 13.73
C LYS A 385 -15.40 -13.07 12.68
N LYS A 386 -16.41 -12.27 12.32
CA LYS A 386 -17.31 -12.67 11.21
CA LYS A 386 -17.34 -12.58 11.19
C LYS A 386 -16.62 -12.93 9.90
N ASN A 387 -15.64 -12.11 9.52
CA ASN A 387 -14.98 -12.34 8.22
C ASN A 387 -14.07 -13.53 8.28
N CYS A 388 -13.43 -13.80 9.42
CA CYS A 388 -12.56 -14.98 9.50
C CYS A 388 -13.35 -16.28 9.67
N ASP A 389 -14.53 -16.24 10.31
CA ASP A 389 -15.42 -17.43 10.33
C ASP A 389 -15.89 -17.73 8.89
N LEU A 390 -16.31 -16.71 8.13
CA LEU A 390 -16.73 -16.93 6.78
C LEU A 390 -15.55 -17.53 5.98
N PHE A 391 -14.35 -16.95 6.07
CA PHE A 391 -13.18 -17.42 5.29
C PHE A 391 -12.92 -18.88 5.60
N GLU A 392 -12.86 -19.20 6.88
CA GLU A 392 -12.54 -20.58 7.37
C GLU A 392 -13.54 -21.62 6.85
N GLU A 393 -14.79 -21.20 6.76
CA GLU A 393 -15.88 -22.02 6.23
C GLU A 393 -15.88 -22.11 4.71
N VAL A 394 -15.71 -21.04 3.92
CA VAL A 394 -15.88 -21.25 2.46
C VAL A 394 -14.57 -21.28 1.68
N GLY A 395 -13.45 -20.97 2.35
CA GLY A 395 -12.16 -20.81 1.71
C GLY A 395 -11.99 -19.53 0.86
N GLU A 396 -10.78 -19.31 0.40
CA GLU A 396 -10.41 -18.03 -0.25
C GLU A 396 -11.29 -17.57 -1.45
N TYR A 397 -11.47 -18.51 -2.39
CA TYR A 397 -12.14 -18.19 -3.61
C TYR A 397 -13.57 -17.73 -3.26
N ASP A 398 -14.31 -18.51 -2.50
CA ASP A 398 -15.66 -18.02 -2.13
C ASP A 398 -15.70 -16.81 -1.19
N PHE A 399 -14.67 -16.68 -0.38
CA PHE A 399 -14.56 -15.49 0.41
C PHE A 399 -14.35 -14.22 -0.50
N GLN A 400 -13.44 -14.25 -1.50
CA GLN A 400 -13.31 -13.20 -2.53
C GLN A 400 -14.64 -12.92 -3.16
N ASN A 401 -15.36 -14.00 -3.43
CA ASN A 401 -16.64 -13.83 -4.19
C ASN A 401 -17.62 -13.09 -3.35
N ALA A 402 -17.68 -13.44 -2.06
CA ALA A 402 -18.58 -12.74 -1.08
C ALA A 402 -18.17 -11.27 -1.00
N LEU A 403 -16.85 -10.98 -0.99
CA LEU A 403 -16.43 -9.53 -0.86
C LEU A 403 -16.71 -8.74 -2.18
N ILE A 404 -16.54 -9.46 -3.30
CA ILE A 404 -16.89 -8.89 -4.59
C ILE A 404 -18.37 -8.54 -4.60
N VAL A 405 -19.22 -9.43 -4.12
CA VAL A 405 -20.66 -9.10 -4.06
C VAL A 405 -20.93 -7.90 -3.14
N ARG A 406 -20.30 -7.91 -1.95
CA ARG A 406 -20.46 -6.83 -0.95
C ARG A 406 -20.00 -5.47 -1.55
N TYR A 407 -18.81 -5.40 -2.15
CA TYR A 407 -18.30 -4.11 -2.66
C TYR A 407 -19.02 -3.65 -3.94
N THR A 408 -19.51 -4.58 -4.74
CA THR A 408 -20.22 -4.16 -5.94
C THR A 408 -21.53 -3.64 -5.54
N LYS A 409 -22.13 -4.18 -4.46
CA LYS A 409 -23.41 -3.52 -4.03
C LYS A 409 -23.18 -2.14 -3.48
N LYS A 410 -22.04 -1.91 -2.80
CA LYS A 410 -21.73 -0.60 -2.22
C LYS A 410 -21.40 0.43 -3.32
N ALA A 411 -20.70 -0.04 -4.35
CA ALA A 411 -20.19 0.87 -5.39
C ALA A 411 -20.29 0.25 -6.77
N PRO A 412 -21.52 0.10 -7.24
CA PRO A 412 -21.70 -0.60 -8.55
C PRO A 412 -21.24 0.23 -9.75
N GLN A 413 -21.01 1.54 -9.56
CA GLN A 413 -20.39 2.38 -10.56
C GLN A 413 -18.92 2.11 -10.80
N VAL A 414 -18.24 1.39 -9.88
CA VAL A 414 -16.83 1.10 -10.09
C VAL A 414 -16.68 0.08 -11.21
N SER A 415 -15.63 0.21 -12.01
CA SER A 415 -15.44 -0.65 -13.10
C SER A 415 -15.25 -2.10 -12.50
N THR A 416 -15.61 -3.10 -13.29
CA THR A 416 -15.48 -4.50 -12.93
C THR A 416 -14.04 -4.97 -12.57
N PRO A 417 -13.03 -4.59 -13.39
CA PRO A 417 -11.69 -5.02 -13.00
C PRO A 417 -11.22 -4.45 -11.68
N THR A 418 -11.58 -3.20 -11.34
CA THR A 418 -11.34 -2.70 -9.93
C THR A 418 -12.10 -3.44 -8.86
N LEU A 419 -13.40 -3.63 -9.04
CA LEU A 419 -14.15 -4.44 -8.00
C LEU A 419 -13.51 -5.83 -7.80
N VAL A 420 -13.10 -6.53 -8.89
CA VAL A 420 -12.54 -7.90 -8.75
C VAL A 420 -11.22 -7.81 -8.06
N GLU A 421 -10.38 -6.83 -8.49
CA GLU A 421 -9.03 -6.65 -7.87
C GLU A 421 -9.19 -6.37 -6.41
N ILE A 422 -10.15 -5.56 -6.04
CA ILE A 422 -10.22 -5.29 -4.60
C ILE A 422 -10.83 -6.47 -3.81
N GLY A 423 -11.90 -7.09 -4.33
CA GLY A 423 -12.44 -8.22 -3.63
C GLY A 423 -11.41 -9.30 -3.53
N ARG A 424 -10.63 -9.51 -4.59
CA ARG A 424 -9.56 -10.51 -4.43
C ARG A 424 -8.50 -10.07 -3.42
N THR A 425 -8.08 -8.81 -3.43
CA THR A 425 -6.97 -8.46 -2.50
C THR A 425 -7.54 -8.64 -1.07
N LEU A 426 -8.78 -8.12 -0.82
CA LEU A 426 -9.38 -8.31 0.52
C LEU A 426 -9.57 -9.74 0.88
N GLY A 427 -9.85 -10.68 -0.05
CA GLY A 427 -9.85 -12.10 0.38
C GLY A 427 -8.47 -12.65 0.71
N LYS A 428 -7.43 -12.16 0.08
CA LYS A 428 -6.10 -12.63 0.47
C LYS A 428 -5.81 -12.06 1.87
N VAL A 429 -6.42 -10.96 2.27
CA VAL A 429 -6.27 -10.52 3.68
C VAL A 429 -6.75 -11.61 4.64
N GLY A 430 -7.90 -12.22 4.39
CA GLY A 430 -8.27 -13.40 5.17
C GLY A 430 -7.25 -14.50 5.30
N SER A 431 -6.64 -14.90 4.19
CA SER A 431 -5.72 -16.02 4.26
C SER A 431 -4.52 -15.60 5.03
N ARG A 432 -4.08 -14.39 4.80
CA ARG A 432 -2.91 -13.90 5.53
C ARG A 432 -3.24 -13.80 7.03
N CYS A 433 -4.38 -13.24 7.39
CA CYS A 433 -4.53 -12.81 8.83
C CYS A 433 -5.32 -13.80 9.62
N CYS A 434 -6.18 -14.59 9.01
CA CYS A 434 -7.09 -15.35 9.79
C CYS A 434 -6.40 -16.47 10.48
N LYS A 435 -5.28 -16.87 9.97
CA LYS A 435 -4.60 -18.03 10.52
C LYS A 435 -3.67 -17.66 11.65
N LEU A 436 -3.42 -16.36 11.88
CA LEU A 436 -2.54 -15.91 12.98
C LEU A 436 -3.18 -16.20 14.33
N PRO A 437 -2.33 -16.28 15.41
CA PRO A 437 -2.84 -16.24 16.81
C PRO A 437 -3.90 -15.18 16.93
N GLU A 438 -4.94 -15.43 17.70
CA GLU A 438 -6.13 -14.58 17.61
C GLU A 438 -5.89 -13.14 18.01
N SER A 439 -4.89 -12.86 18.85
CA SER A 439 -4.68 -11.45 19.30
C SER A 439 -4.00 -10.58 18.22
N GLU A 440 -3.51 -11.26 17.19
CA GLU A 440 -2.88 -10.68 15.99
C GLU A 440 -3.82 -10.43 14.78
N ARG A 441 -5.05 -10.91 14.88
CA ARG A 441 -5.96 -10.94 13.78
C ARG A 441 -6.51 -9.56 13.44
N LEU A 442 -6.98 -8.88 14.46
CA LEU A 442 -7.47 -7.56 14.37
C LEU A 442 -6.44 -6.59 13.76
N PRO A 443 -5.20 -6.39 14.34
CA PRO A 443 -4.30 -5.46 13.67
C PRO A 443 -3.96 -5.96 12.28
N CYS A 444 -3.69 -7.25 12.13
CA CYS A 444 -3.41 -7.73 10.76
C CYS A 444 -4.54 -7.33 9.74
N SER A 445 -5.78 -7.63 10.04
CA SER A 445 -6.87 -7.46 9.05
C SER A 445 -7.12 -6.00 8.84
N GLU A 446 -7.22 -5.25 9.94
CA GLU A 446 -7.52 -3.86 9.81
C GLU A 446 -6.37 -3.09 9.11
N ASN A 447 -5.10 -3.40 9.42
CA ASN A 447 -4.00 -2.68 8.85
C ASN A 447 -3.94 -2.96 7.33
N HIS A 448 -4.24 -4.20 6.95
CA HIS A 448 -4.14 -4.60 5.54
C HIS A 448 -5.36 -4.07 4.79
N LEU A 449 -6.52 -4.02 5.44
CA LEU A 449 -7.73 -3.38 4.91
C LEU A 449 -7.47 -1.91 4.57
N ALA A 450 -6.73 -1.15 5.43
CA ALA A 450 -6.39 0.23 5.15
C ALA A 450 -5.68 0.25 3.85
N LEU A 451 -4.76 -0.72 3.59
CA LEU A 451 -3.96 -0.70 2.32
C LEU A 451 -4.89 -0.92 1.02
N ALA A 452 -5.79 -1.84 1.11
CA ALA A 452 -6.64 -2.18 -0.03
C ALA A 452 -7.63 -1.04 -0.27
N LEU A 453 -8.18 -0.48 0.81
CA LEU A 453 -9.05 0.64 0.66
C LEU A 453 -8.27 1.76 0.09
N ASN A 454 -7.03 1.93 0.49
CA ASN A 454 -6.39 3.13 -0.09
C ASN A 454 -6.07 2.93 -1.57
N ARG A 455 -5.79 1.70 -2.00
CA ARG A 455 -5.64 1.44 -3.42
C ARG A 455 -6.94 1.82 -4.17
N LEU A 456 -8.07 1.55 -3.55
CA LEU A 456 -9.39 1.88 -4.14
C LEU A 456 -9.55 3.39 -4.25
N CYS A 457 -9.16 4.12 -3.21
CA CYS A 457 -9.22 5.58 -3.22
C CYS A 457 -8.25 6.20 -4.27
N VAL A 458 -7.07 5.61 -4.44
CA VAL A 458 -6.05 6.19 -5.33
C VAL A 458 -6.58 6.16 -6.77
N LEU A 459 -7.16 5.03 -7.12
CA LEU A 459 -7.82 4.79 -8.43
C LEU A 459 -9.00 5.71 -8.63
N HIS A 460 -9.71 5.98 -7.53
CA HIS A 460 -10.85 6.78 -7.59
C HIS A 460 -10.50 8.25 -7.80
N GLU A 461 -9.37 8.76 -7.33
CA GLU A 461 -8.93 10.13 -7.68
C GLU A 461 -8.67 10.28 -9.14
N LYS A 462 -8.21 9.22 -9.77
CA LYS A 462 -7.91 9.19 -11.22
C LYS A 462 -9.24 9.21 -11.99
N THR A 463 -10.18 8.36 -11.58
CA THR A 463 -11.42 8.09 -12.31
C THR A 463 -12.53 8.12 -11.31
N PRO A 464 -13.02 9.32 -10.92
CA PRO A 464 -14.08 9.35 -9.92
C PRO A 464 -15.40 8.84 -10.46
N VAL A 465 -16.17 8.07 -9.72
CA VAL A 465 -17.40 7.57 -10.33
C VAL A 465 -18.46 7.61 -9.26
N SER A 466 -18.09 7.72 -7.99
CA SER A 466 -19.07 7.63 -6.92
C SER A 466 -18.84 8.66 -5.83
N GLU A 467 -19.88 9.37 -5.52
CA GLU A 467 -19.77 10.39 -4.46
C GLU A 467 -19.62 9.80 -3.06
N LYS A 468 -20.25 8.67 -2.83
CA LYS A 468 -20.06 7.93 -1.57
C LYS A 468 -18.59 7.47 -1.44
N ILE A 469 -17.94 6.95 -2.52
CA ILE A 469 -16.54 6.61 -2.40
C ILE A 469 -15.70 7.87 -2.16
N THR A 470 -15.98 9.00 -2.84
CA THR A 470 -15.20 10.21 -2.58
C THR A 470 -15.20 10.58 -1.10
N LYS A 471 -16.38 10.59 -0.55
CA LYS A 471 -16.62 10.98 0.77
C LYS A 471 -15.87 10.07 1.79
N CYS A 472 -15.98 8.76 1.70
CA CYS A 472 -15.12 7.84 2.46
C CYS A 472 -13.63 8.02 2.26
N CYS A 473 -13.12 8.40 1.08
CA CYS A 473 -11.72 8.46 0.77
C CYS A 473 -11.19 9.75 1.29
N THR A 474 -12.03 10.77 1.49
CA THR A 474 -11.45 12.08 1.75
C THR A 474 -11.87 12.66 3.06
N ASP A 475 -12.77 12.03 3.78
CA ASP A 475 -13.19 12.62 5.03
C ASP A 475 -12.08 12.46 6.08
N SER A 476 -11.60 11.27 6.38
CA SER A 476 -10.71 11.14 7.57
C SER A 476 -10.09 9.81 7.37
N LEU A 477 -8.77 9.80 7.42
CA LEU A 477 -7.96 8.61 7.33
C LEU A 477 -8.44 7.60 8.35
N ALA A 478 -8.65 8.01 9.61
CA ALA A 478 -8.87 6.95 10.62
C ALA A 478 -10.28 6.33 10.49
N GLU A 479 -11.21 7.08 9.97
CA GLU A 479 -12.59 6.63 9.79
C GLU A 479 -12.83 5.88 8.43
N ARG A 480 -11.82 5.76 7.57
CA ARG A 480 -12.08 5.14 6.25
C ARG A 480 -12.74 3.79 6.31
N ARG A 481 -12.16 2.91 7.09
CA ARG A 481 -12.64 1.57 7.08
C ARG A 481 -14.08 1.50 7.62
N PRO A 482 -14.40 2.13 8.79
CA PRO A 482 -15.81 2.10 9.13
C PRO A 482 -16.71 2.86 8.15
N CYS A 483 -16.27 3.93 7.47
CA CYS A 483 -17.13 4.63 6.49
C CYS A 483 -17.48 3.64 5.28
N PHE A 484 -16.52 2.89 4.79
CA PHE A 484 -16.74 1.83 3.83
C PHE A 484 -17.61 0.69 4.35
N SER A 485 -17.38 0.25 5.60
CA SER A 485 -18.17 -0.81 6.26
C SER A 485 -19.61 -0.41 6.34
N ALA A 486 -19.82 0.88 6.52
CA ALA A 486 -21.18 1.34 6.56
C ALA A 486 -21.79 1.60 5.18
N LEU A 487 -21.09 1.69 4.06
CA LEU A 487 -21.89 1.78 2.83
C LEU A 487 -22.87 0.59 2.59
N GLU A 488 -24.04 0.89 2.07
CA GLU A 488 -24.93 -0.17 1.63
C GLU A 488 -25.28 -0.05 0.19
N LEU A 489 -26.06 -1.01 -0.29
CA LEU A 489 -26.66 -0.89 -1.63
C LEU A 489 -27.09 0.53 -1.93
N ASP A 490 -26.35 1.07 -2.88
CA ASP A 490 -26.57 2.39 -3.40
C ASP A 490 -28.02 2.33 -3.90
N GLU A 491 -28.98 3.05 -3.25
CA GLU A 491 -30.44 2.79 -3.48
C GLU A 491 -31.14 3.57 -4.65
N GLY A 492 -30.37 4.32 -5.43
CA GLY A 492 -30.85 4.94 -6.65
C GLY A 492 -29.91 4.61 -7.80
N TYR A 493 -29.03 3.62 -7.59
CA TYR A 493 -28.38 2.92 -8.71
C TYR A 493 -29.46 2.43 -9.69
N VAL A 494 -29.15 2.52 -11.02
CA VAL A 494 -30.11 1.91 -11.91
C VAL A 494 -29.42 0.69 -12.47
N PRO A 495 -30.02 -0.52 -12.34
CA PRO A 495 -29.38 -1.73 -12.81
C PRO A 495 -28.78 -1.49 -14.16
N LYS A 496 -27.53 -1.94 -14.32
CA LYS A 496 -26.88 -1.87 -15.57
C LYS A 496 -27.67 -2.76 -16.56
N GLU A 497 -27.91 -2.25 -17.77
CA GLU A 497 -28.70 -2.94 -18.77
C GLU A 497 -28.08 -4.28 -19.14
N PHE A 498 -28.93 -5.26 -19.25
CA PHE A 498 -28.47 -6.54 -19.56
C PHE A 498 -27.66 -6.59 -20.92
N LYS A 499 -26.51 -7.28 -20.96
CA LYS A 499 -25.79 -7.55 -22.22
C LYS A 499 -25.35 -9.05 -22.25
N ALA A 500 -26.05 -9.82 -23.05
CA ALA A 500 -25.79 -11.25 -23.14
C ALA A 500 -24.27 -11.59 -23.34
N GLU A 501 -23.56 -10.81 -24.16
CA GLU A 501 -22.14 -11.09 -24.40
C GLU A 501 -21.23 -11.11 -23.14
N THR A 502 -21.49 -10.20 -22.23
CA THR A 502 -20.80 -10.15 -20.97
C THR A 502 -20.80 -11.52 -20.25
N PHE A 503 -21.95 -12.27 -20.28
CA PHE A 503 -22.12 -13.56 -19.61
C PHE A 503 -21.92 -14.76 -20.51
N THR A 504 -21.41 -14.56 -21.73
CA THR A 504 -21.22 -15.59 -22.71
C THR A 504 -19.76 -16.06 -22.62
N PHE A 505 -19.52 -17.35 -22.43
CA PHE A 505 -18.13 -17.86 -22.38
C PHE A 505 -17.70 -18.63 -23.68
N HIS A 506 -16.40 -18.81 -23.98
CA HIS A 506 -15.92 -19.57 -25.15
C HIS A 506 -14.73 -20.37 -24.74
N ALA A 507 -14.21 -21.22 -25.62
CA ALA A 507 -13.31 -22.33 -25.25
C ALA A 507 -11.96 -21.85 -24.82
N ASP A 508 -11.71 -20.60 -25.12
CA ASP A 508 -10.43 -19.97 -24.75
C ASP A 508 -10.17 -19.96 -23.22
N ILE A 509 -11.26 -20.06 -22.45
CA ILE A 509 -11.11 -19.84 -21.02
C ILE A 509 -10.50 -21.11 -20.47
N CYS A 510 -10.48 -22.14 -21.32
CA CYS A 510 -10.10 -23.52 -20.90
C CYS A 510 -8.61 -23.68 -20.76
N THR A 511 -7.87 -22.87 -21.48
CA THR A 511 -6.41 -22.98 -21.46
C THR A 511 -5.79 -22.03 -20.45
N LEU A 512 -6.62 -21.21 -19.80
CA LEU A 512 -6.14 -20.19 -18.84
C LEU A 512 -5.57 -20.87 -17.59
N PRO A 513 -4.51 -20.29 -17.02
CA PRO A 513 -4.13 -20.73 -15.65
C PRO A 513 -5.26 -20.46 -14.63
N GLU A 514 -5.22 -21.18 -13.52
CA GLU A 514 -6.32 -21.19 -12.53
C GLU A 514 -6.78 -19.80 -12.13
N ASP A 515 -5.85 -18.96 -11.74
CA ASP A 515 -6.28 -17.71 -11.28
C ASP A 515 -6.84 -16.83 -12.34
N GLU A 516 -6.35 -16.92 -13.57
CA GLU A 516 -7.02 -16.18 -14.66
C GLU A 516 -8.40 -16.78 -14.95
N LYS A 517 -8.58 -18.07 -14.86
CA LYS A 517 -9.92 -18.57 -15.00
C LYS A 517 -10.92 -18.00 -13.84
N GLN A 518 -10.43 -17.93 -12.61
CA GLN A 518 -11.20 -17.32 -11.53
C GLN A 518 -11.59 -15.87 -11.76
N ILE A 519 -10.66 -15.09 -12.26
CA ILE A 519 -10.87 -13.68 -12.52
C ILE A 519 -11.98 -13.58 -13.53
N LYS A 520 -12.01 -14.47 -14.57
CA LYS A 520 -13.11 -14.42 -15.56
C LYS A 520 -14.42 -14.73 -14.89
N LYS A 521 -14.45 -15.73 -14.05
CA LYS A 521 -15.71 -16.02 -13.27
C LYS A 521 -16.13 -14.83 -12.35
N GLN A 522 -15.14 -14.22 -11.68
CA GLN A 522 -15.44 -13.23 -10.64
C GLN A 522 -15.85 -11.92 -11.38
N SER A 523 -15.35 -11.69 -12.57
CA SER A 523 -15.85 -10.53 -13.30
C SER A 523 -17.33 -10.68 -13.71
N ALA A 524 -17.71 -11.88 -14.19
CA ALA A 524 -19.12 -12.13 -14.52
C ALA A 524 -19.97 -12.08 -13.22
N LEU A 525 -19.47 -12.60 -12.11
CA LEU A 525 -20.14 -12.36 -10.76
C LEU A 525 -20.43 -10.84 -10.53
N ALA A 526 -19.43 -9.97 -10.70
CA ALA A 526 -19.66 -8.58 -10.40
C ALA A 526 -20.64 -8.05 -11.42
N GLU A 527 -20.55 -8.52 -12.68
CA GLU A 527 -21.56 -8.10 -13.68
C GLU A 527 -22.95 -8.61 -13.32
N LEU A 528 -23.06 -9.82 -12.78
CA LEU A 528 -24.38 -10.28 -12.33
C LEU A 528 -24.89 -9.34 -11.29
N VAL A 529 -24.02 -8.93 -10.36
CA VAL A 529 -24.53 -7.97 -9.36
C VAL A 529 -24.94 -6.60 -9.96
N LYS A 530 -24.15 -6.05 -10.90
CA LYS A 530 -24.53 -4.79 -11.48
C LYS A 530 -25.92 -4.88 -12.14
N HIS A 531 -26.23 -5.98 -12.84
CA HIS A 531 -27.54 -6.08 -13.55
C HIS A 531 -28.67 -6.38 -12.56
N LYS A 532 -28.43 -7.10 -11.46
CA LYS A 532 -29.44 -7.45 -10.43
C LYS A 532 -28.92 -7.10 -9.07
N PRO A 533 -28.83 -5.80 -8.76
CA PRO A 533 -28.20 -5.41 -7.48
C PRO A 533 -28.97 -5.88 -6.29
N LYS A 534 -30.24 -6.26 -6.43
CA LYS A 534 -31.00 -6.64 -5.21
C LYS A 534 -30.97 -8.10 -4.89
N ALA A 535 -30.45 -8.91 -5.82
CA ALA A 535 -30.22 -10.38 -5.63
C ALA A 535 -29.49 -10.68 -4.33
N THR A 536 -29.88 -11.74 -3.64
CA THR A 536 -29.21 -11.99 -2.39
C THR A 536 -27.92 -12.75 -2.72
N LYS A 537 -27.08 -12.80 -1.69
CA LYS A 537 -25.74 -13.31 -1.87
C LYS A 537 -25.86 -14.82 -2.15
N GLU A 538 -26.89 -15.40 -1.55
CA GLU A 538 -27.19 -16.84 -1.68
C GLU A 538 -27.70 -17.13 -3.11
N GLN A 539 -28.60 -16.32 -3.62
CA GLN A 539 -28.87 -16.44 -5.11
C GLN A 539 -27.60 -16.27 -6.00
N LEU A 540 -26.68 -15.38 -5.63
CA LEU A 540 -25.57 -15.13 -6.60
C LEU A 540 -24.66 -16.31 -6.56
N LYS A 541 -24.49 -16.80 -5.37
CA LYS A 541 -23.62 -17.91 -5.22
C LYS A 541 -24.15 -19.15 -5.97
N THR A 542 -25.45 -19.38 -5.94
CA THR A 542 -26.02 -20.50 -6.75
C THR A 542 -25.78 -20.31 -8.22
N VAL A 543 -26.16 -19.18 -8.79
CA VAL A 543 -25.96 -18.92 -10.23
C VAL A 543 -24.50 -19.03 -10.62
N LEU A 544 -23.59 -18.56 -9.75
CA LEU A 544 -22.14 -18.65 -10.12
C LEU A 544 -21.66 -20.09 -10.12
N GLY A 545 -22.09 -20.81 -9.07
CA GLY A 545 -22.05 -22.27 -9.03
C GLY A 545 -22.51 -22.89 -10.39
N ASN A 546 -23.64 -22.46 -10.95
CA ASN A 546 -24.07 -23.01 -12.27
C ASN A 546 -23.12 -22.66 -13.37
N PHE A 547 -22.65 -21.37 -13.40
CA PHE A 547 -21.59 -20.96 -14.38
C PHE A 547 -20.30 -21.73 -14.31
N SER A 548 -19.81 -22.01 -13.11
CA SER A 548 -18.61 -22.82 -13.01
C SER A 548 -18.91 -24.23 -13.46
N ALA A 549 -20.10 -24.77 -13.21
CA ALA A 549 -20.27 -26.19 -13.55
C ALA A 549 -20.24 -26.25 -15.07
N PHE A 550 -20.93 -25.30 -15.66
CA PHE A 550 -21.01 -25.11 -17.08
C PHE A 550 -19.61 -24.96 -17.72
N VAL A 551 -18.74 -24.16 -17.14
CA VAL A 551 -17.34 -24.06 -17.64
C VAL A 551 -16.57 -25.39 -17.45
N ALA A 552 -16.65 -26.05 -16.29
CA ALA A 552 -15.86 -27.22 -16.10
C ALA A 552 -16.34 -28.19 -17.15
N LYS A 553 -17.65 -28.28 -17.33
CA LYS A 553 -18.21 -29.25 -18.22
C LYS A 553 -17.76 -29.03 -19.63
N CYS A 554 -17.98 -27.84 -20.14
CA CYS A 554 -17.57 -27.55 -21.55
C CYS A 554 -16.05 -27.65 -21.84
N CYS A 555 -15.19 -27.33 -20.87
CA CYS A 555 -13.73 -27.52 -21.02
C CYS A 555 -13.35 -28.97 -21.01
N GLY A 556 -14.23 -29.89 -20.59
CA GLY A 556 -13.92 -31.33 -20.68
C GLY A 556 -14.52 -32.04 -21.91
N ALA A 557 -15.18 -31.26 -22.77
CA ALA A 557 -15.98 -31.75 -23.88
C ALA A 557 -15.06 -32.11 -25.05
N GLU A 558 -15.46 -33.13 -25.83
CA GLU A 558 -14.79 -33.38 -27.07
C GLU A 558 -14.73 -32.09 -27.88
N ASP A 559 -15.88 -31.46 -28.08
CA ASP A 559 -15.93 -30.26 -28.86
C ASP A 559 -16.29 -29.05 -27.95
N LYS A 560 -15.23 -28.45 -27.39
CA LYS A 560 -15.38 -27.39 -26.36
C LYS A 560 -16.36 -26.29 -26.84
N GLU A 561 -16.21 -25.86 -28.07
CA GLU A 561 -16.87 -24.70 -28.50
C GLU A 561 -18.35 -24.98 -28.87
N ALA A 562 -18.66 -26.23 -29.28
CA ALA A 562 -20.10 -26.54 -29.55
C ALA A 562 -20.86 -26.61 -28.23
N CYS A 563 -20.18 -27.12 -27.22
CA CYS A 563 -20.75 -27.20 -25.87
C CYS A 563 -21.00 -25.79 -25.32
N PHE A 564 -19.99 -24.94 -25.31
CA PHE A 564 -20.17 -23.48 -25.00
C PHE A 564 -21.35 -22.88 -25.71
N ALA A 565 -21.42 -23.10 -27.04
CA ALA A 565 -22.51 -22.48 -27.91
C ALA A 565 -23.90 -23.02 -27.69
N GLU A 566 -24.00 -24.32 -27.42
CA GLU A 566 -25.27 -24.98 -27.17
C GLU A 566 -25.81 -24.67 -25.78
N GLU A 567 -24.95 -24.76 -24.80
CA GLU A 567 -25.41 -24.64 -23.44
C GLU A 567 -25.46 -23.20 -22.93
N GLY A 568 -24.67 -22.29 -23.52
CA GLY A 568 -24.42 -20.98 -22.88
C GLY A 568 -25.69 -20.17 -22.73
N PRO A 569 -26.42 -19.96 -23.89
CA PRO A 569 -27.58 -19.09 -23.93
C PRO A 569 -28.66 -19.54 -22.99
N LYS A 570 -28.85 -20.86 -22.80
CA LYS A 570 -29.86 -21.41 -21.82
C LYS A 570 -29.55 -20.88 -20.43
N LEU A 571 -28.28 -21.12 -20.07
CA LEU A 571 -27.78 -20.81 -18.75
C LEU A 571 -27.89 -19.31 -18.46
N VAL A 572 -27.55 -18.56 -19.50
CA VAL A 572 -27.55 -17.10 -19.45
C VAL A 572 -28.97 -16.62 -19.25
N ALA A 573 -29.95 -17.16 -20.00
CA ALA A 573 -31.35 -16.77 -19.73
C ALA A 573 -31.88 -17.28 -18.36
N SER A 574 -31.69 -18.54 -18.04
CA SER A 574 -32.32 -19.00 -16.82
C SER A 574 -31.70 -18.36 -15.52
N SER A 575 -30.39 -18.12 -15.52
CA SER A 575 -29.75 -17.28 -14.47
C SER A 575 -30.50 -15.99 -14.12
N GLN A 576 -30.93 -15.22 -15.09
CA GLN A 576 -31.66 -14.03 -14.77
C GLN A 576 -32.93 -14.30 -13.94
N LEU A 577 -33.57 -15.47 -14.13
CA LEU A 577 -34.87 -15.76 -13.47
C LEU A 577 -34.60 -16.10 -12.02
N ALA A 578 -33.47 -16.81 -11.83
CA ALA A 578 -32.90 -17.15 -10.49
C ALA A 578 -32.45 -15.87 -9.71
N LEU A 579 -32.20 -14.73 -10.35
CA LEU A 579 -31.65 -13.60 -9.57
C LEU A 579 -32.76 -12.59 -9.30
N ALA A 580 -33.98 -12.94 -9.64
CA ALA A 580 -35.09 -12.04 -9.44
C ALA A 580 -35.33 -11.75 -7.91
C1 8XI B . 23.26 -1.56 -13.02
O1 8XI B . 24.47 -1.54 -13.12
N1 8XI B . 22.43 -0.64 -13.28
C2 8XI B . 22.73 0.54 -13.86
C3 8XI B . 22.04 1.65 -13.52
CL1 8XI B . 21.67 2.84 -14.77
O4 8XI B . 25.02 0.68 -14.42
C15 8XI B . 23.84 0.58 -14.84
O3 8XI B . 23.59 0.56 -16.05
C4 8XI B . 21.67 1.95 -12.05
S1 8XI B . 21.75 0.49 -11.08
C5 8XI B . 21.51 -0.84 -12.17
C6 8XI B . 22.50 -2.04 -11.85
N2 8XI B . 23.15 -1.76 -10.58
C7 8XI B . 23.62 -2.77 -9.83
O2 8XI B . 23.49 -3.96 -10.14
C8 8XI B . 24.27 -2.41 -8.52
N3 8XI B . 25.21 -3.48 -8.13
C9 8XI B . 23.21 -2.29 -7.50
C14 8XI B . 22.58 -1.05 -7.31
C13 8XI B . 21.56 -0.92 -6.35
C12 8XI B . 21.16 -2.05 -5.60
C11 8XI B . 21.80 -3.30 -5.79
C10 8XI B . 22.81 -3.41 -6.75
C1 8XI C . -8.18 14.09 11.96
O1 8XI C . -9.29 13.84 11.57
N1 8XI C . -7.06 13.77 11.46
C2 8XI C . -6.62 12.50 11.28
C3 8XI C . -5.60 12.02 12.08
CL1 8XI C . -4.76 10.51 11.66
O4 8XI C . -7.80 10.50 10.73
C15 8XI C . -7.39 11.65 10.34
O3 8XI C . -7.68 12.10 9.22
C4 8XI C . -5.23 12.75 13.39
S1 8XI C . -5.12 14.50 13.09
C5 8XI C . -6.27 14.95 11.83
C6 8XI C . -7.69 15.39 12.46
N2 8XI C . -7.59 15.42 13.92
C7 8XI C . -7.49 16.59 14.61
O2 8XI C . -7.38 17.69 14.05
C8 8XI C . -7.48 16.50 16.13
N3 8XI C . -7.37 17.85 16.72
C9 8XI C . -6.36 15.65 16.59
C14 8XI C . -5.05 16.19 16.65
C13 8XI C . -3.98 15.38 17.05
C12 8XI C . -4.22 14.03 17.42
C11 8XI C . -5.53 13.49 17.37
C10 8XI C . -6.59 14.30 16.96
C1 MLI D . 4.33 -1.51 10.03
C2 MLI D . 2.96 -1.59 9.34
C3 MLI D . 4.97 -2.92 10.15
O6 MLI D . 2.74 -0.84 8.37
O7 MLI D . 2.12 -2.40 9.77
O8 MLI D . 6.02 -3.18 9.46
O9 MLI D . 4.44 -3.74 10.92
C1 MLI E . -28.78 -10.03 0.89
C2 MLI E . -27.28 -10.05 0.77
C3 MLI E . -29.24 -11.15 1.82
O6 MLI E . -26.76 -10.17 -0.35
O7 MLI E . -26.60 -9.96 1.83
O8 MLI E . -28.56 -12.21 1.90
O9 MLI E . -30.29 -10.97 2.49
C1 MLI F . -21.60 -15.15 -2.92
C2 MLI F . -21.01 -15.80 -4.18
C3 MLI F . -20.99 -15.75 -1.66
O6 MLI F . -21.32 -15.32 -5.28
O7 MLI F . -20.25 -16.83 -4.07
O8 MLI F . -20.08 -16.66 -1.77
O9 MLI F . -21.40 -15.31 -0.53
C1 MLI G . 0.64 15.35 18.16
C2 MLI G . 1.08 14.19 17.34
C3 MLI G . -0.81 15.62 17.89
O6 MLI G . 1.68 14.42 16.27
O7 MLI G . 0.81 13.01 17.75
O8 MLI G . -1.12 16.21 16.83
O9 MLI G . -1.66 15.25 18.73
C1 MLI H . -14.71 -5.49 4.25
C2 MLI H . -15.74 -4.64 5.05
C3 MLI H . -14.22 -6.71 5.07
O6 MLI H . -16.66 -4.04 4.40
O7 MLI H . -15.61 -4.51 6.29
O8 MLI H . -13.11 -7.25 4.76
O9 MLI H . -14.93 -7.12 6.00
C1 LMR I . 13.16 2.61 7.69
O1A LMR I . 13.06 2.53 6.45
O1B LMR I . 14.25 2.53 8.31
C2 LMR I . 11.89 2.78 8.45
O2 LMR I . 10.79 2.62 7.54
C3 LMR I . 11.81 1.73 9.56
C4 LMR I . 11.42 2.37 10.88
O4A LMR I . 12.10 3.31 11.33
O4B LMR I . 10.44 1.87 11.49
C FMT J . -16.76 -11.40 -17.27
O1 FMT J . -17.80 -10.96 -17.77
O2 FMT J . -15.96 -12.43 -17.69
C FMT K . 6.08 3.47 10.20
O1 FMT K . 5.65 4.56 10.61
O2 FMT K . 5.94 2.31 10.87
C FMT L . -11.05 16.79 12.67
O1 FMT L . -11.23 15.57 12.74
O2 FMT L . -10.58 17.35 11.54
C FMT M . -11.03 -9.66 7.41
O1 FMT M . -10.49 -10.51 8.13
O2 FMT M . -11.75 -8.69 7.97
C FMT N . 1.99 17.65 14.89
O1 FMT N . 0.94 17.15 15.25
O2 FMT N . 2.96 17.88 15.78
C FMT O . 21.95 3.94 0.55
O1 FMT O . 20.91 3.64 0.01
O2 FMT O . 21.86 4.24 1.83
C FMT P . 4.47 -6.29 -10.05
O1 FMT P . 4.94 -7.22 -10.69
O2 FMT P . 4.17 -5.15 -10.68
C ACT Q . -12.89 2.92 -10.91
O ACT Q . -13.92 2.54 -11.55
OXT ACT Q . -11.82 2.25 -11.00
CH3 ACT Q . -12.91 4.16 -10.02
C ACT R . -7.87 -2.42 28.07
O ACT R . -7.61 -1.23 27.81
OXT ACT R . -7.26 -3.03 28.97
CH3 ACT R . -8.94 -3.14 27.29
#